data_6F1Z
#
_entry.id   6F1Z
#
_cell.length_a   1.0
_cell.length_b   1.0
_cell.length_c   1.0
_cell.angle_alpha   90.00
_cell.angle_beta   90.00
_cell.angle_gamma   90.00
#
_symmetry.space_group_name_H-M   'P 1'
#
loop_
_entity.id
_entity.type
_entity.pdbx_description
1 polymer 'Cytoplasmic dynein 1 intermediate chain 2'
2 polymer 'Dynein light chain roadblock-type 1'
#
loop_
_entity_poly.entity_id
_entity_poly.type
_entity_poly.pdbx_seq_one_letter_code
_entity_poly.pdbx_strand_id
1 'polypeptide(L)'
;MSDKSELKAELERKKQRLAQIREEKKRKEEERKKKETDQKKEAVAPVQEESDLEKKRREAEALLQSMGLTPESPIVPPPM
SPSSKSVSTPSEAGSQDSGDGAVGSRRGPIKLGMAKITQVDFPPREIVTYTKETQTPVMAQPKEDEEEDDDVVAPKPPIE
PEEEKTLKKDEENDSKAPPHELTEEEKQQILHSEEFLSFFDHSTRIVERALSEQINIFFDYSGRDLEDKEGEIQAGAKLS
LNRQFFDERWSKHRVVSCLDWSSQYPELLVASYNNNEDAPHEPDGVALVWNMKYKKTTPEYVFHCQSAVMSATFAKFHPN
LVVGGTYSGQIVLWDNRSNKRTPVQRTPLSAAAHTHPVYCVNVVGTQNAHNLISISTDGKICSWSLDMLSHPQDSMELVH
KQSKAVAVTSMSFPVGDVNNFVVGSEEGSVYTACRHGSKAGISEMFEGHQGPITGIHCHAAVGAVDFSHLFVTSSFDWTV
KLWSTKNNKPLYSFEDNAGYVYDVMWSPTHPALFACVDGMGRLDLWNLNNDTEVPTASISVEGNPALNRVRWTHSGREIA
VGDSEGQIVIYDVGEQIAVPRNDEWARFGRTLAEINANRADAEEEAATRIPA
;
o,p
2 'polypeptide(L)'
;MAEVEETLKRLQSQKGVQGIIVVNTEGIPIKSTMDNPTTTQYASLMHSFILKARSTVRDIDPQNDLTFLRIRSKKNEIMV
APDKDYFLIVIQNPTE
;
s,t
#
# COMPACT_ATOMS: atom_id res chain seq x y z
N LEU A 182 17.22 -21.77 -6.11
CA LEU A 182 18.07 -22.13 -4.99
C LEU A 182 19.54 -22.12 -5.36
N THR A 183 19.85 -22.51 -6.59
CA THR A 183 21.22 -22.61 -7.07
C THR A 183 21.48 -21.56 -8.14
N GLU A 184 22.77 -21.19 -8.28
CA GLU A 184 23.18 -20.12 -9.17
C GLU A 184 22.89 -20.44 -10.63
N GLU A 185 22.98 -21.72 -10.99
CA GLU A 185 22.65 -22.18 -12.33
C GLU A 185 21.18 -21.93 -12.65
N GLU A 186 20.30 -22.27 -11.71
CA GLU A 186 18.87 -22.07 -11.89
C GLU A 186 18.52 -20.59 -11.93
N LYS A 187 19.21 -19.77 -11.12
CA LYS A 187 18.95 -18.33 -11.13
C LYS A 187 19.38 -17.71 -12.44
N GLN A 188 20.61 -17.99 -12.88
CA GLN A 188 21.10 -17.43 -14.14
C GLN A 188 20.39 -18.02 -15.35
N GLN A 189 19.73 -19.18 -15.18
CA GLN A 189 18.73 -19.61 -16.13
C GLN A 189 17.56 -18.64 -16.16
N ILE A 190 16.89 -18.49 -15.01
CA ILE A 190 15.62 -17.76 -14.95
C ILE A 190 15.83 -16.26 -15.19
N LEU A 191 16.95 -15.72 -14.73
CA LEU A 191 17.28 -14.32 -14.98
C LEU A 191 17.47 -14.06 -16.47
N HIS A 192 18.21 -14.94 -17.14
CA HIS A 192 18.43 -14.82 -18.57
C HIS A 192 17.40 -15.60 -19.38
N SER A 193 16.32 -16.05 -18.75
CA SER A 193 15.23 -16.70 -19.46
C SER A 193 14.40 -15.65 -20.20
N GLU A 194 13.46 -16.15 -21.01
CA GLU A 194 12.54 -15.27 -21.74
C GLU A 194 11.25 -15.05 -20.95
N GLU A 195 11.39 -14.73 -19.67
CA GLU A 195 10.28 -14.37 -18.79
C GLU A 195 10.51 -13.07 -18.03
N PHE A 196 11.75 -12.81 -17.61
CA PHE A 196 12.00 -11.65 -16.76
C PHE A 196 12.18 -10.36 -17.55
N LEU A 197 11.89 -10.38 -18.86
CA LEU A 197 12.15 -9.21 -19.69
C LEU A 197 11.22 -8.05 -19.30
N SER A 198 9.91 -8.27 -19.44
CA SER A 198 8.93 -7.31 -18.97
C SER A 198 8.95 -7.16 -17.45
N PHE A 199 9.43 -8.17 -16.72
CA PHE A 199 9.54 -8.06 -15.27
C PHE A 199 10.59 -7.05 -14.87
N PHE A 200 11.79 -7.13 -15.46
CA PHE A 200 12.81 -6.13 -15.20
C PHE A 200 12.40 -4.76 -15.73
N ASP A 201 11.70 -4.73 -16.87
CA ASP A 201 11.26 -3.45 -17.43
C ASP A 201 10.28 -2.74 -16.52
N HIS A 202 9.23 -3.44 -16.08
CA HIS A 202 8.29 -2.84 -15.15
C HIS A 202 8.88 -2.64 -13.76
N SER A 203 9.88 -3.43 -13.38
CA SER A 203 10.55 -3.21 -12.10
C SER A 203 11.26 -1.86 -12.09
N THR A 204 12.12 -1.63 -13.10
CA THR A 204 12.82 -0.37 -13.24
C THR A 204 11.83 0.78 -13.44
N ARG A 205 10.78 0.55 -14.22
CA ARG A 205 9.83 1.61 -14.54
C ARG A 205 9.03 2.03 -13.31
N ILE A 206 8.56 1.07 -12.51
CA ILE A 206 7.74 1.42 -11.37
C ILE A 206 8.60 1.93 -10.20
N VAL A 207 9.83 1.43 -10.05
CA VAL A 207 10.69 1.96 -9.00
C VAL A 207 11.15 3.38 -9.34
N GLU A 208 11.45 3.64 -10.62
CA GLU A 208 11.68 5.03 -11.04
C GLU A 208 10.41 5.85 -10.94
N ARG A 209 9.24 5.23 -11.11
CA ARG A 209 7.97 5.91 -10.94
C ARG A 209 7.74 6.30 -9.48
N ALA A 210 8.35 5.57 -8.55
CA ALA A 210 8.28 5.93 -7.14
C ALA A 210 9.40 6.88 -6.71
N LEU A 211 10.12 7.49 -7.65
CA LEU A 211 11.21 8.39 -7.28
C LEU A 211 10.70 9.78 -6.94
N SER A 212 9.51 10.15 -7.41
CA SER A 212 8.96 11.46 -7.11
C SER A 212 8.62 11.57 -5.63
N GLU A 213 9.33 12.47 -4.95
CA GLU A 213 9.20 12.59 -3.50
C GLU A 213 7.92 13.34 -3.15
N GLN A 214 7.20 12.81 -2.17
CA GLN A 214 6.09 13.49 -1.54
C GLN A 214 6.57 14.10 -0.23
N ILE A 215 5.87 15.11 0.24
CA ILE A 215 6.27 15.83 1.45
C ILE A 215 5.12 15.76 2.44
N ASN A 216 5.47 15.88 3.73
CA ASN A 216 4.53 15.73 4.83
C ASN A 216 4.71 16.83 5.86
N ILE A 217 4.85 18.07 5.40
CA ILE A 217 4.89 19.22 6.31
C ILE A 217 3.87 20.26 5.87
N LEU B 182 -25.02 -6.54 18.16
CA LEU B 182 -25.43 -5.16 18.41
C LEU B 182 -24.23 -4.23 18.56
N THR B 183 -23.91 -3.49 17.50
CA THR B 183 -22.71 -2.65 17.54
C THR B 183 -22.65 -1.48 18.53
N GLU B 184 -23.69 -0.67 18.59
CA GLU B 184 -23.72 0.46 19.51
C GLU B 184 -25.14 0.95 19.81
N GLU B 185 -25.37 1.45 21.01
CA GLU B 185 -26.67 2.00 21.35
C GLU B 185 -26.95 3.25 20.50
N GLU B 186 -25.95 4.12 20.41
CA GLU B 186 -26.07 5.34 19.61
C GLU B 186 -24.78 5.68 18.86
N LYS B 187 -24.80 5.47 17.54
CA LYS B 187 -23.65 5.75 16.69
C LYS B 187 -23.30 7.24 16.54
N GLN B 188 -24.34 8.07 16.43
CA GLN B 188 -24.23 9.51 16.19
C GLN B 188 -23.54 10.43 17.23
N GLN B 189 -23.75 10.20 18.51
CA GLN B 189 -23.19 11.10 19.52
C GLN B 189 -21.65 11.19 19.53
N ILE B 190 -20.97 10.06 19.39
CA ILE B 190 -19.51 10.05 19.39
C ILE B 190 -18.95 10.82 18.18
N LEU B 191 -19.61 10.63 17.04
CA LEU B 191 -19.25 11.22 15.77
C LEU B 191 -19.77 12.65 15.67
N HIS B 192 -20.84 12.97 16.41
CA HIS B 192 -21.39 14.31 16.44
C HIS B 192 -20.61 15.23 17.38
N SER B 193 -19.62 14.70 18.09
CA SER B 193 -18.95 15.42 19.18
C SER B 193 -17.95 16.45 18.63
N GLU B 194 -17.13 16.99 19.53
CA GLU B 194 -16.19 18.03 19.20
C GLU B 194 -14.74 17.61 19.34
N GLU B 195 -14.47 16.44 19.95
CA GLU B 195 -13.11 16.03 20.25
C GLU B 195 -12.79 14.70 19.56
N PHE B 196 -13.81 13.85 19.38
CA PHE B 196 -13.65 12.70 18.51
C PHE B 196 -13.52 13.16 17.05
N LEU B 197 -14.21 14.24 16.70
CA LEU B 197 -13.94 14.89 15.43
C LEU B 197 -12.63 15.68 15.42
N SER B 198 -11.95 15.86 16.54
CA SER B 198 -10.59 16.37 16.46
C SER B 198 -9.62 15.30 15.97
N PHE B 199 -9.86 14.05 16.38
CA PHE B 199 -9.13 12.94 15.78
C PHE B 199 -9.53 12.77 14.31
N PHE B 200 -10.81 12.98 14.00
CA PHE B 200 -11.18 13.04 12.59
C PHE B 200 -10.58 14.24 11.86
N ASP B 201 -10.28 15.33 12.55
CA ASP B 201 -9.60 16.46 11.93
C ASP B 201 -8.15 16.12 11.64
N HIS B 202 -7.51 15.36 12.53
CA HIS B 202 -6.21 14.78 12.23
C HIS B 202 -6.28 13.88 10.99
N SER B 203 -7.33 13.06 10.90
CA SER B 203 -7.47 12.18 9.75
C SER B 203 -7.72 12.96 8.46
N THR B 204 -8.51 14.03 8.52
CA THR B 204 -8.70 14.85 7.33
C THR B 204 -7.47 15.69 7.02
N ARG B 205 -6.62 15.95 8.02
CA ARG B 205 -5.31 16.54 7.76
C ARG B 205 -4.44 15.57 6.97
N ILE B 206 -4.53 14.28 7.31
CA ILE B 206 -3.87 13.24 6.51
C ILE B 206 -4.44 13.19 5.10
N VAL B 207 -5.76 13.35 4.99
CA VAL B 207 -6.45 13.34 3.69
C VAL B 207 -5.99 14.52 2.82
N GLU B 208 -5.92 15.70 3.41
CA GLU B 208 -5.41 16.88 2.72
C GLU B 208 -3.94 16.74 2.37
N ARG B 209 -3.19 16.01 3.20
CA ARG B 209 -1.79 15.73 2.87
C ARG B 209 -1.66 14.76 1.70
N ALA B 210 -2.59 13.83 1.55
CA ALA B 210 -2.46 12.75 0.58
C ALA B 210 -3.09 13.06 -0.78
N LEU B 211 -4.16 13.83 -0.83
CA LEU B 211 -4.83 14.10 -2.10
C LEU B 211 -4.16 15.20 -2.92
N SER B 212 -3.09 15.80 -2.42
CA SER B 212 -2.49 16.95 -3.08
C SER B 212 -1.58 16.58 -4.25
N GLU B 213 -1.26 15.29 -4.41
CA GLU B 213 -0.22 14.90 -5.36
C GLU B 213 -0.76 14.90 -6.79
N GLN B 214 -1.74 14.02 -7.06
CA GLN B 214 -2.54 13.99 -8.30
C GLN B 214 -1.67 13.74 -9.54
N ILE B 215 -0.86 12.68 -9.49
CA ILE B 215 -0.01 12.29 -10.61
C ILE B 215 -0.41 10.89 -11.04
N ASN B 216 -0.48 10.67 -12.36
CA ASN B 216 -0.97 9.41 -12.90
C ASN B 216 0.17 8.70 -13.63
N ILE B 217 -0.04 7.42 -13.94
CA ILE B 217 0.99 6.53 -14.45
C ILE B 217 1.11 6.71 -15.96
N PHE B 218 2.35 6.71 -16.45
CA PHE B 218 2.63 6.85 -17.87
C PHE B 218 2.61 5.49 -18.56
N PHE B 219 2.30 5.51 -19.86
CA PHE B 219 2.05 4.30 -20.63
C PHE B 219 3.34 3.67 -21.15
N ASP B 220 4.09 4.43 -21.95
CA ASP B 220 5.31 4.00 -22.65
C ASP B 220 5.06 2.75 -23.49
N TYR B 221 4.01 2.84 -24.32
CA TYR B 221 3.56 1.81 -25.25
C TYR B 221 3.28 0.50 -24.52
N SER B 222 2.31 0.57 -23.62
CA SER B 222 1.91 -0.61 -22.86
C SER B 222 1.13 -1.59 -23.72
N GLY B 223 0.21 -1.09 -24.54
CA GLY B 223 -0.65 -1.93 -25.34
C GLY B 223 -1.96 -2.21 -24.63
N ARG B 224 -1.87 -2.87 -23.48
CA ARG B 224 -3.04 -3.11 -22.64
C ARG B 224 -3.18 -2.00 -21.61
N GLU C 3 -15.31 20.82 11.22
CA GLU C 3 -15.95 20.89 9.91
C GLU C 3 -15.41 19.83 8.95
N VAL C 4 -15.67 18.56 9.26
CA VAL C 4 -15.33 17.48 8.34
C VAL C 4 -16.30 17.49 7.16
N GLU C 5 -17.51 18.02 7.35
CA GLU C 5 -18.54 17.96 6.32
C GLU C 5 -18.22 18.87 5.14
N GLU C 6 -17.51 19.97 5.35
CA GLU C 6 -17.14 20.82 4.21
C GLU C 6 -16.04 20.18 3.38
N THR C 7 -15.11 19.45 4.02
CA THR C 7 -14.09 18.72 3.27
C THR C 7 -14.71 17.53 2.55
N LEU C 8 -15.70 16.89 3.19
CA LEU C 8 -16.56 15.91 2.56
C LEU C 8 -17.25 16.48 1.31
N LYS C 9 -17.74 17.70 1.41
CA LYS C 9 -18.44 18.32 0.30
C LYS C 9 -17.49 18.72 -0.82
N ARG C 10 -16.26 19.11 -0.45
CA ARG C 10 -15.22 19.33 -1.44
C ARG C 10 -14.81 18.03 -2.12
N LEU C 11 -14.85 16.92 -1.38
CA LEU C 11 -14.45 15.62 -1.89
C LEU C 11 -15.59 14.92 -2.64
N GLN C 12 -16.74 15.56 -2.79
CA GLN C 12 -17.83 14.97 -3.57
C GLN C 12 -17.48 14.92 -5.05
N SER C 13 -17.22 16.08 -5.65
CA SER C 13 -16.96 16.20 -7.07
C SER C 13 -15.47 16.32 -7.39
N GLN C 14 -14.62 15.82 -6.50
CA GLN C 14 -13.20 15.79 -6.77
C GLN C 14 -12.91 14.69 -7.79
N LYS C 15 -11.80 14.86 -8.52
CA LYS C 15 -11.44 14.00 -9.64
C LYS C 15 -11.16 12.56 -9.22
N GLY C 16 -12.08 11.65 -9.53
CA GLY C 16 -11.87 10.24 -9.35
C GLY C 16 -12.51 9.61 -8.13
N VAL C 17 -13.35 10.33 -7.40
CA VAL C 17 -13.89 9.85 -6.14
C VAL C 17 -14.90 8.73 -6.37
N GLN C 18 -14.52 7.49 -6.02
CA GLN C 18 -15.45 6.37 -6.16
C GLN C 18 -16.40 6.27 -4.99
N GLY C 19 -15.92 6.53 -3.77
CA GLY C 19 -16.75 6.44 -2.57
C GLY C 19 -16.10 7.11 -1.38
N ILE C 20 -16.91 7.66 -0.48
CA ILE C 20 -16.42 8.43 0.67
C ILE C 20 -17.01 7.83 1.95
N ILE C 21 -16.18 7.08 2.68
CA ILE C 21 -16.55 6.42 3.91
C ILE C 21 -15.42 6.59 4.92
N VAL C 22 -15.60 6.01 6.11
CA VAL C 22 -14.53 5.92 7.10
C VAL C 22 -14.88 4.77 8.05
N VAL C 23 -13.85 4.10 8.57
CA VAL C 23 -14.04 3.14 9.64
C VAL C 23 -14.25 3.90 10.95
N ASN C 24 -15.14 3.41 11.81
CA ASN C 24 -15.54 4.17 12.99
C ASN C 24 -15.27 3.45 14.30
N THR C 25 -15.40 2.13 14.38
CA THR C 25 -15.34 1.43 15.66
C THR C 25 -14.42 0.22 15.55
N GLU C 26 -13.21 0.45 15.00
CA GLU C 26 -12.11 -0.53 14.92
C GLU C 26 -12.53 -1.76 14.12
N GLY C 27 -12.80 -1.50 12.84
CA GLY C 27 -13.29 -2.52 11.94
C GLY C 27 -14.80 -2.55 11.79
N ILE C 28 -15.53 -1.72 12.54
CA ILE C 28 -16.98 -1.65 12.43
C ILE C 28 -17.34 -0.23 12.00
N PRO C 29 -17.38 0.07 10.70
CA PRO C 29 -17.71 1.42 10.27
C PRO C 29 -19.20 1.74 10.39
N ILE C 30 -19.48 3.03 10.59
CA ILE C 30 -20.83 3.55 10.68
C ILE C 30 -21.09 4.63 9.62
N LYS C 31 -20.16 5.57 9.49
CA LYS C 31 -20.29 6.66 8.52
C LYS C 31 -20.13 6.09 7.11
N SER C 32 -21.23 5.99 6.39
CA SER C 32 -21.24 5.28 5.11
C SER C 32 -22.05 6.08 4.10
N THR C 33 -21.42 6.46 2.99
CA THR C 33 -22.13 6.90 1.81
C THR C 33 -22.41 5.76 0.83
N MET C 34 -22.11 4.53 1.23
CA MET C 34 -22.33 3.33 0.43
C MET C 34 -23.13 2.32 1.25
N ASP C 35 -23.27 1.11 0.72
CA ASP C 35 -24.10 0.07 1.33
C ASP C 35 -23.29 -0.74 2.33
N ASN C 36 -23.90 -1.83 2.82
CA ASN C 36 -23.32 -2.61 3.91
C ASN C 36 -22.04 -3.37 3.50
N PRO C 37 -21.97 -4.12 2.37
CA PRO C 37 -20.70 -4.81 2.07
C PRO C 37 -19.57 -3.85 1.75
N THR C 38 -19.76 -2.94 0.79
CA THR C 38 -18.70 -2.10 0.25
C THR C 38 -18.09 -1.20 1.32
N THR C 39 -18.92 -0.69 2.23
CA THR C 39 -18.35 0.05 3.36
C THR C 39 -17.86 -0.92 4.44
N THR C 40 -18.80 -1.62 5.08
CA THR C 40 -18.49 -2.23 6.37
C THR C 40 -17.70 -3.53 6.21
N GLN C 41 -18.13 -4.42 5.31
CA GLN C 41 -17.47 -5.72 5.22
C GLN C 41 -16.11 -5.59 4.54
N TYR C 42 -16.02 -4.75 3.52
CA TYR C 42 -14.73 -4.55 2.85
C TYR C 42 -13.77 -3.77 3.74
N ALA C 43 -14.28 -2.82 4.51
CA ALA C 43 -13.42 -2.10 5.44
C ALA C 43 -13.01 -2.97 6.64
N SER C 44 -13.83 -3.94 7.04
CA SER C 44 -13.42 -4.86 8.09
C SER C 44 -12.40 -5.87 7.58
N LEU C 45 -12.55 -6.32 6.33
CA LEU C 45 -11.51 -7.11 5.66
C LEU C 45 -10.19 -6.36 5.64
N MET C 46 -10.21 -5.13 5.12
CA MET C 46 -9.01 -4.31 5.12
C MET C 46 -8.51 -3.94 6.51
N HIS C 47 -9.40 -3.92 7.50
CA HIS C 47 -8.99 -3.71 8.88
C HIS C 47 -8.18 -4.90 9.39
N SER C 48 -8.64 -6.11 9.10
CA SER C 48 -7.86 -7.30 9.42
C SER C 48 -6.58 -7.36 8.61
N PHE C 49 -6.58 -6.82 7.38
CA PHE C 49 -5.41 -6.91 6.53
C PHE C 49 -4.33 -5.92 6.98
N ILE C 50 -4.71 -4.71 7.36
CA ILE C 50 -3.77 -3.78 7.97
C ILE C 50 -3.41 -4.22 9.39
N LEU C 51 -4.27 -5.01 10.05
CA LEU C 51 -3.87 -5.64 11.30
C LEU C 51 -2.75 -6.65 11.07
N LYS C 52 -2.86 -7.43 9.99
CA LYS C 52 -1.79 -8.35 9.62
C LYS C 52 -0.53 -7.59 9.19
N ALA C 53 -0.68 -6.43 8.56
CA ALA C 53 0.48 -5.64 8.16
C ALA C 53 1.16 -4.97 9.35
N ARG C 54 0.38 -4.49 10.32
CA ARG C 54 0.96 -3.98 11.56
C ARG C 54 1.61 -5.09 12.35
N SER C 55 1.06 -6.31 12.29
CA SER C 55 1.72 -7.46 12.88
C SER C 55 3.03 -7.77 12.17
N THR C 56 3.08 -7.56 10.85
CA THR C 56 4.29 -7.78 10.07
C THR C 56 5.39 -6.80 10.49
N VAL C 57 5.07 -5.52 10.53
CA VAL C 57 6.06 -4.50 10.84
C VAL C 57 6.42 -4.52 12.32
N ARG C 58 5.48 -4.92 13.17
CA ARG C 58 5.78 -5.15 14.58
C ARG C 58 6.66 -6.38 14.77
N ASP C 59 6.56 -7.35 13.86
CA ASP C 59 7.46 -8.49 13.88
C ASP C 59 8.84 -8.12 13.34
N ILE C 60 8.92 -7.12 12.46
CA ILE C 60 10.21 -6.57 12.08
C ILE C 60 10.84 -5.84 13.27
N ASP C 61 10.08 -4.95 13.88
CA ASP C 61 10.50 -4.23 15.07
C ASP C 61 9.22 -3.85 15.82
N PRO C 62 9.06 -4.30 17.08
CA PRO C 62 7.85 -3.93 17.84
C PRO C 62 7.72 -2.44 18.13
N GLN C 63 8.83 -1.71 18.12
CA GLN C 63 8.74 -0.25 18.17
C GLN C 63 8.20 0.32 16.86
N ASN C 64 8.42 -0.37 15.75
CA ASN C 64 7.99 0.12 14.44
C ASN C 64 6.56 -0.35 14.20
N ASP C 65 5.62 0.56 14.40
CA ASP C 65 4.22 0.37 14.04
C ASP C 65 4.00 0.89 12.61
N LEU C 66 2.74 1.07 12.22
CA LEU C 66 2.42 1.60 10.90
C LEU C 66 1.71 2.94 11.00
N THR C 67 1.91 3.76 9.96
CA THR C 67 1.43 5.13 9.94
C THR C 67 0.41 5.37 8.83
N PHE C 68 0.70 4.92 7.61
CA PHE C 68 -0.21 5.19 6.49
C PHE C 68 -0.07 4.10 5.44
N LEU C 69 -1.17 3.82 4.74
CA LEU C 69 -1.26 2.80 3.71
C LEU C 69 -1.94 3.39 2.47
N ARG C 70 -1.54 2.91 1.30
CA ARG C 70 -2.23 3.25 0.07
C ARG C 70 -2.05 2.11 -0.91
N ILE C 71 -3.10 1.79 -1.66
CA ILE C 71 -3.09 0.73 -2.65
C ILE C 71 -3.55 1.32 -3.97
N ARG C 72 -2.76 1.10 -5.03
CA ARG C 72 -3.23 1.36 -6.38
C ARG C 72 -3.39 0.04 -7.12
N SER C 73 -4.36 0.02 -8.02
CA SER C 73 -4.70 -1.20 -8.74
C SER C 73 -5.20 -0.80 -10.13
N LYS C 74 -5.87 -1.74 -10.81
CA LYS C 74 -6.42 -1.46 -12.13
C LYS C 74 -7.59 -0.50 -12.04
N LYS C 75 -8.61 -0.86 -11.27
CA LYS C 75 -9.87 -0.14 -11.28
C LYS C 75 -10.00 0.91 -10.18
N ASN C 76 -9.11 0.90 -9.19
CA ASN C 76 -9.26 1.84 -8.08
C ASN C 76 -7.90 2.14 -7.47
N GLU C 77 -7.84 3.26 -6.76
CA GLU C 77 -6.71 3.62 -5.92
C GLU C 77 -7.24 4.00 -4.55
N ILE C 78 -6.89 3.21 -3.54
CA ILE C 78 -7.45 3.36 -2.20
C ILE C 78 -6.32 3.67 -1.23
N MET C 79 -6.44 4.82 -0.57
CA MET C 79 -5.54 5.18 0.53
C MET C 79 -6.16 4.77 1.85
N VAL C 80 -5.33 4.31 2.78
CA VAL C 80 -5.79 3.84 4.09
C VAL C 80 -4.98 4.57 5.15
N ALA C 81 -5.66 5.34 5.99
CA ALA C 81 -4.97 6.03 7.07
C ALA C 81 -5.31 5.35 8.39
N PRO C 82 -4.40 4.57 8.98
CA PRO C 82 -4.68 4.02 10.30
C PRO C 82 -4.61 5.06 11.41
N ASP C 83 -5.76 5.39 11.99
CA ASP C 83 -5.83 6.29 13.12
C ASP C 83 -5.73 5.45 14.40
N LYS C 84 -6.08 5.99 15.56
CA LYS C 84 -5.74 5.37 16.84
C LYS C 84 -6.56 4.10 17.09
N ASP C 85 -7.87 4.23 17.22
CA ASP C 85 -8.73 3.06 17.39
C ASP C 85 -9.43 2.70 16.08
N TYR C 86 -10.22 3.62 15.55
CA TYR C 86 -10.76 3.46 14.20
C TYR C 86 -9.67 3.75 13.19
N PHE C 87 -9.89 3.29 11.96
CA PHE C 87 -8.97 3.56 10.86
C PHE C 87 -9.73 4.40 9.82
N LEU C 88 -9.10 4.61 8.66
CA LEU C 88 -9.70 5.40 7.59
C LEU C 88 -9.56 4.69 6.25
N ILE C 89 -10.63 4.73 5.45
CA ILE C 89 -10.64 4.19 4.09
C ILE C 89 -11.17 5.28 3.16
N VAL C 90 -10.43 5.56 2.08
CA VAL C 90 -10.88 6.46 1.02
C VAL C 90 -10.68 5.77 -0.32
N ILE C 91 -11.77 5.64 -1.08
CA ILE C 91 -11.76 4.91 -2.34
C ILE C 91 -11.74 5.93 -3.48
N GLN C 92 -10.90 5.69 -4.49
CA GLN C 92 -10.73 6.67 -5.56
C GLN C 92 -10.34 5.96 -6.85
N ASN C 93 -10.78 6.52 -7.99
CA ASN C 93 -10.36 6.05 -9.30
C ASN C 93 -8.87 6.26 -9.52
N PRO C 94 -8.25 5.46 -10.38
CA PRO C 94 -6.88 5.78 -10.83
C PRO C 94 -6.83 6.92 -11.82
N THR C 95 -7.95 7.26 -12.44
CA THR C 95 -8.01 8.34 -13.42
C THR C 95 -9.39 8.99 -13.40
N GLU D 3 23.30 -6.11 -16.36
CA GLU D 3 22.55 -4.88 -16.23
C GLU D 3 21.67 -4.90 -14.98
N VAL D 4 21.50 -6.11 -14.42
CA VAL D 4 20.77 -6.23 -13.17
C VAL D 4 21.57 -5.63 -12.03
N GLU D 5 22.90 -5.82 -12.06
CA GLU D 5 23.77 -5.13 -11.12
C GLU D 5 23.82 -3.63 -11.41
N GLU D 6 23.68 -3.25 -12.68
CA GLU D 6 23.55 -1.84 -13.02
C GLU D 6 22.24 -1.27 -12.47
N THR D 7 21.16 -2.06 -12.52
CA THR D 7 19.91 -1.68 -11.90
C THR D 7 20.06 -1.54 -10.39
N LEU D 8 20.80 -2.47 -9.78
CA LEU D 8 21.11 -2.43 -8.35
C LEU D 8 21.84 -1.15 -7.97
N LYS D 9 22.87 -0.80 -8.73
CA LYS D 9 23.64 0.40 -8.43
C LYS D 9 22.80 1.66 -8.65
N ARG D 10 22.07 1.71 -9.76
CA ARG D 10 21.34 2.92 -10.12
C ARG D 10 20.17 3.17 -9.18
N LEU D 11 19.54 2.11 -8.67
CA LEU D 11 18.41 2.29 -7.77
C LEU D 11 18.81 2.24 -6.30
N GLN D 12 20.02 1.81 -5.98
CA GLN D 12 20.53 1.96 -4.63
C GLN D 12 21.23 3.30 -4.44
N SER D 13 21.65 3.94 -5.53
CA SER D 13 22.13 5.31 -5.48
C SER D 13 21.02 6.28 -5.12
N GLN D 14 19.77 5.91 -5.39
CA GLN D 14 18.63 6.67 -4.90
C GLN D 14 18.62 6.65 -3.38
N LYS D 15 18.66 7.83 -2.78
CA LYS D 15 18.87 7.95 -1.35
C LYS D 15 17.62 7.52 -0.58
N GLY D 16 17.81 7.28 0.71
CA GLY D 16 16.76 6.76 1.56
C GLY D 16 16.73 5.25 1.58
N VAL D 17 17.06 4.64 0.43
CA VAL D 17 17.02 3.20 0.27
C VAL D 17 18.14 2.57 1.07
N GLN D 18 17.79 1.66 1.97
CA GLN D 18 18.78 0.91 2.74
C GLN D 18 19.13 -0.43 2.09
N GLY D 19 18.27 -0.93 1.21
CA GLY D 19 18.56 -2.18 0.53
C GLY D 19 17.52 -2.55 -0.51
N ILE D 20 17.99 -2.93 -1.70
CA ILE D 20 17.11 -3.45 -2.73
C ILE D 20 17.01 -4.95 -2.53
N ILE D 21 16.08 -5.38 -1.69
CA ILE D 21 15.93 -6.79 -1.39
C ILE D 21 14.67 -7.30 -2.05
N VAL D 22 14.77 -7.77 -3.29
CA VAL D 22 13.60 -8.14 -4.05
C VAL D 22 13.37 -9.65 -3.98
N VAL D 23 12.15 -10.04 -3.61
CA VAL D 23 11.79 -11.43 -3.40
C VAL D 23 10.95 -11.87 -4.60
N ASN D 24 11.03 -13.16 -4.94
CA ASN D 24 10.29 -13.71 -6.05
C ASN D 24 8.94 -14.27 -5.58
N THR D 25 8.29 -15.02 -6.46
CA THR D 25 7.05 -15.72 -6.15
C THR D 25 7.36 -16.89 -5.22
N GLU D 26 8.55 -17.49 -5.38
CA GLU D 26 8.92 -18.64 -4.58
C GLU D 26 9.30 -18.27 -3.14
N GLY D 27 9.49 -16.99 -2.85
CA GLY D 27 9.99 -16.58 -1.56
C GLY D 27 11.50 -16.69 -1.42
N ILE D 28 12.19 -17.10 -2.47
CA ILE D 28 13.64 -17.32 -2.47
C ILE D 28 14.31 -15.97 -2.65
N PRO D 29 15.39 -15.67 -1.92
CA PRO D 29 16.13 -14.41 -2.13
C PRO D 29 16.86 -14.37 -3.48
N ILE D 30 16.10 -14.13 -4.54
CA ILE D 30 16.67 -14.02 -5.87
C ILE D 30 17.39 -12.69 -6.03
N LYS D 31 17.07 -11.73 -5.16
CA LYS D 31 17.68 -10.40 -5.17
C LYS D 31 17.77 -9.90 -3.73
N SER D 32 18.96 -9.96 -3.16
CA SER D 32 19.23 -9.47 -1.82
C SER D 32 20.59 -8.80 -1.80
N THR D 33 20.68 -7.67 -1.10
CA THR D 33 21.94 -6.94 -0.96
C THR D 33 22.31 -6.67 0.50
N MET D 34 21.49 -7.09 1.45
CA MET D 34 21.69 -6.83 2.86
C MET D 34 21.84 -8.14 3.62
N ASP D 35 21.75 -8.05 4.95
CA ASP D 35 21.90 -9.22 5.83
C ASP D 35 20.78 -10.23 5.60
N ASN D 36 21.15 -11.33 4.95
CA ASN D 36 20.22 -12.27 4.35
C ASN D 36 19.45 -13.15 5.35
N PRO D 37 20.03 -13.65 6.47
CA PRO D 37 19.15 -14.30 7.46
C PRO D 37 18.18 -13.35 8.13
N THR D 38 18.52 -12.06 8.23
CA THR D 38 17.59 -11.09 8.78
C THR D 38 16.47 -10.78 7.78
N THR D 39 16.83 -10.50 6.54
CA THR D 39 15.84 -10.05 5.58
C THR D 39 15.13 -11.20 4.87
N THR D 40 15.58 -12.43 5.01
CA THR D 40 14.87 -13.55 4.38
C THR D 40 13.61 -13.89 5.16
N GLN D 41 13.64 -13.72 6.49
CA GLN D 41 12.44 -13.78 7.30
C GLN D 41 11.41 -12.74 6.86
N TYR D 42 11.88 -11.51 6.61
CA TYR D 42 10.99 -10.43 6.22
C TYR D 42 10.50 -10.61 4.79
N ALA D 43 11.32 -11.23 3.96
CA ALA D 43 10.92 -11.59 2.60
C ALA D 43 9.84 -12.66 2.62
N SER D 44 9.96 -13.64 3.52
CA SER D 44 8.93 -14.66 3.65
C SER D 44 7.64 -14.09 4.23
N LEU D 45 7.76 -13.14 5.17
CA LEU D 45 6.62 -12.38 5.68
C LEU D 45 5.91 -11.68 4.53
N MET D 46 6.59 -10.76 3.85
CA MET D 46 5.97 -10.01 2.77
C MET D 46 5.62 -10.88 1.57
N HIS D 47 6.16 -12.10 1.45
CA HIS D 47 5.62 -13.09 0.54
C HIS D 47 4.22 -13.51 0.96
N SER D 48 4.06 -13.88 2.25
CA SER D 48 2.75 -14.24 2.78
C SER D 48 1.77 -13.07 2.71
N PHE D 49 2.25 -11.85 2.83
CA PHE D 49 1.33 -10.72 2.83
C PHE D 49 1.11 -10.12 1.44
N ILE D 50 1.99 -10.41 0.47
CA ILE D 50 1.63 -10.26 -0.94
C ILE D 50 0.54 -11.26 -1.31
N LEU D 51 0.63 -12.49 -0.76
CA LEU D 51 -0.46 -13.44 -0.91
C LEU D 51 -1.76 -12.92 -0.30
N LYS D 52 -1.65 -12.28 0.88
CA LYS D 52 -2.80 -11.60 1.49
C LYS D 52 -3.37 -10.52 0.59
N ALA D 53 -2.51 -9.70 -0.02
CA ALA D 53 -2.96 -8.59 -0.85
C ALA D 53 -3.58 -9.08 -2.16
N ARG D 54 -3.02 -10.14 -2.75
CA ARG D 54 -3.60 -10.69 -3.97
C ARG D 54 -4.92 -11.39 -3.70
N SER D 55 -5.02 -12.06 -2.54
CA SER D 55 -6.30 -12.61 -2.11
C SER D 55 -7.32 -11.51 -1.88
N THR D 56 -6.87 -10.39 -1.31
CA THR D 56 -7.71 -9.22 -1.07
C THR D 56 -8.28 -8.68 -2.37
N VAL D 57 -7.41 -8.49 -3.37
CA VAL D 57 -7.84 -7.95 -4.66
C VAL D 57 -8.77 -8.92 -5.37
N ARG D 58 -8.37 -10.18 -5.49
CA ARG D 58 -9.15 -11.13 -6.28
C ARG D 58 -10.37 -11.66 -5.56
N ASP D 59 -10.54 -11.38 -4.27
CA ASP D 59 -11.76 -11.77 -3.57
C ASP D 59 -12.73 -10.61 -3.37
N ILE D 60 -12.21 -9.39 -3.17
CA ILE D 60 -13.11 -8.24 -3.13
C ILE D 60 -13.64 -7.95 -4.53
N ASP D 61 -12.80 -8.06 -5.55
CA ASP D 61 -13.24 -7.79 -6.91
C ASP D 61 -12.86 -8.93 -7.84
N PRO D 62 -13.76 -9.32 -8.76
CA PRO D 62 -13.41 -10.36 -9.73
C PRO D 62 -12.36 -9.92 -10.73
N GLN D 63 -12.55 -8.75 -11.33
CA GLN D 63 -11.76 -8.32 -12.48
C GLN D 63 -10.50 -7.54 -12.13
N ASN D 64 -10.35 -7.10 -10.88
CA ASN D 64 -9.25 -6.21 -10.53
C ASN D 64 -7.93 -7.00 -10.45
N ASP D 65 -6.85 -6.30 -10.75
CA ASP D 65 -5.50 -6.86 -10.69
C ASP D 65 -4.65 -5.99 -9.76
N LEU D 66 -3.94 -6.63 -8.86
CA LEU D 66 -3.06 -5.91 -7.95
C LEU D 66 -1.83 -5.40 -8.69
N THR D 67 -1.58 -4.10 -8.60
CA THR D 67 -0.47 -3.47 -9.31
C THR D 67 0.66 -3.05 -8.39
N PHE D 68 0.37 -2.32 -7.31
CA PHE D 68 1.43 -1.68 -6.53
C PHE D 68 0.87 -1.30 -5.17
N LEU D 69 1.77 -1.19 -4.19
CA LEU D 69 1.42 -0.96 -2.80
C LEU D 69 2.27 0.15 -2.20
N ARG D 70 1.64 1.01 -1.40
CA ARG D 70 2.28 2.12 -0.73
C ARG D 70 2.07 1.98 0.78
N ILE D 71 3.18 1.99 1.54
CA ILE D 71 3.15 1.84 2.99
C ILE D 71 4.03 2.92 3.61
N ARG D 72 3.47 3.69 4.53
CA ARG D 72 4.25 4.54 5.42
C ARG D 72 4.32 3.89 6.79
N SER D 73 5.52 3.52 7.20
CA SER D 73 5.73 2.99 8.55
C SER D 73 6.01 4.16 9.50
N LYS D 74 6.42 3.83 10.72
CA LYS D 74 6.81 4.89 11.66
C LYS D 74 8.14 5.51 11.27
N LYS D 75 9.12 4.67 10.94
CA LYS D 75 10.49 5.14 10.78
C LYS D 75 10.93 5.25 9.32
N ASN D 76 10.21 4.64 8.38
CA ASN D 76 10.67 4.62 6.99
C ASN D 76 9.46 4.53 6.07
N GLU D 77 9.75 4.51 4.76
CA GLU D 77 8.74 4.57 3.72
C GLU D 77 8.98 3.41 2.75
N ILE D 78 8.20 2.35 2.90
CA ILE D 78 8.46 1.07 2.23
C ILE D 78 7.37 0.82 1.21
N MET D 79 7.75 0.39 0.00
CA MET D 79 6.80 0.10 -1.05
C MET D 79 6.86 -1.38 -1.40
N VAL D 80 5.85 -1.84 -2.13
CA VAL D 80 5.77 -3.21 -2.65
C VAL D 80 5.33 -3.13 -4.10
N ALA D 81 6.10 -3.75 -5.00
CA ALA D 81 5.76 -3.77 -6.41
C ALA D 81 5.46 -5.18 -6.90
N PRO D 82 4.20 -5.58 -6.94
CA PRO D 82 3.88 -6.90 -7.51
C PRO D 82 3.61 -6.85 -9.00
N ASP D 83 3.99 -7.89 -9.72
CA ASP D 83 3.60 -8.09 -11.10
C ASP D 83 2.73 -9.34 -11.20
N LYS D 84 2.41 -9.75 -12.43
CA LYS D 84 1.56 -10.92 -12.63
C LYS D 84 2.30 -12.22 -12.32
N ASP D 85 3.60 -12.28 -12.54
CA ASP D 85 4.38 -13.49 -12.30
C ASP D 85 5.26 -13.42 -11.06
N TYR D 86 5.94 -12.30 -10.84
CA TYR D 86 6.91 -12.18 -9.75
C TYR D 86 6.76 -10.81 -9.10
N PHE D 87 7.52 -10.57 -8.04
CA PHE D 87 7.20 -9.50 -7.12
C PHE D 87 8.46 -8.70 -6.79
N LEU D 88 8.27 -7.62 -6.02
CA LEU D 88 9.38 -6.76 -5.63
C LEU D 88 9.17 -6.21 -4.22
N ILE D 89 10.28 -6.03 -3.51
CA ILE D 89 10.32 -5.42 -2.17
C ILE D 89 11.53 -4.47 -2.15
N VAL D 90 11.33 -3.26 -1.62
CA VAL D 90 12.46 -2.37 -1.35
C VAL D 90 12.05 -1.45 -0.19
N ILE D 91 13.03 -1.03 0.60
CA ILE D 91 12.83 -0.27 1.83
C ILE D 91 13.57 1.05 1.70
N GLN D 92 12.87 2.17 1.93
CA GLN D 92 13.44 3.50 1.77
C GLN D 92 13.09 4.35 2.98
N ASN D 93 14.00 5.27 3.35
CA ASN D 93 13.80 6.23 4.41
C ASN D 93 13.33 7.56 3.86
N PRO D 94 12.68 8.40 4.69
CA PRO D 94 12.45 9.79 4.28
C PRO D 94 13.76 10.56 4.28
N THR D 95 14.29 10.86 3.10
CA THR D 95 15.60 11.48 2.98
C THR D 95 15.51 12.85 2.31
#